data_3SRQ
#
_entry.id   3SRQ
#
_cell.length_a   79.143
_cell.length_b   79.143
_cell.length_c   107.190
_cell.angle_alpha   90.000
_cell.angle_beta   90.000
_cell.angle_gamma   120.000
#
_symmetry.space_group_name_H-M   'P 61 2 2'
#
loop_
_entity.id
_entity.type
_entity.pdbx_description
1 polymer 'Dihydrofolate reductase'
2 non-polymer 'NADP NICOTINAMIDE-ADENINE-DINUCLEOTIDE PHOSPHATE'
3 non-polymer 1-[3-(2,4-diamino-6-methylquinazolin-7-yl)phenyl]ethanone
4 water water
#
_entity_poly.entity_id   1
_entity_poly.type   'polypeptide(L)'
_entity_poly.pdbx_seq_one_letter_code
;MTLSILVAHDLQRVIGFENQLPWHLPNDLKHVKKLSTGHTLVMGRKTFESIGKPLPNRRNVVLTSDTSFNVEGVDVIHSI
EDIYQLPGHVFIFGGQTLFEEMIDKVDDMYITVIEGKFRGDTFFPPYTFEDWEVASSVEGKLDEKNTIPHTFLHLIRKKL
EHHHHHH
;
_entity_poly.pdbx_strand_id   X
#
# COMPACT_ATOMS: atom_id res chain seq x y z
N THR A 2 7.67 13.73 0.64
CA THR A 2 7.76 12.46 1.42
C THR A 2 7.35 11.33 0.49
N LEU A 3 8.11 10.25 0.53
CA LEU A 3 7.74 9.03 -0.19
C LEU A 3 7.52 7.97 0.88
N SER A 4 6.31 7.41 0.93
CA SER A 4 5.95 6.45 1.98
C SER A 4 5.42 5.18 1.33
N ILE A 5 5.62 4.04 1.98
CA ILE A 5 4.85 2.85 1.64
C ILE A 5 3.55 2.81 2.46
N LEU A 6 2.50 2.31 1.82
CA LEU A 6 1.22 2.07 2.50
C LEU A 6 0.88 0.63 2.20
N VAL A 7 0.70 -0.21 3.23
CA VAL A 7 0.48 -1.65 2.97
C VAL A 7 -0.30 -2.27 4.15
N ALA A 8 -1.08 -3.30 3.85
CA ALA A 8 -1.64 -4.17 4.88
C ALA A 8 -1.03 -5.55 4.67
N HIS A 9 -0.40 -6.11 5.70
CA HIS A 9 0.14 -7.48 5.54
C HIS A 9 -0.14 -8.30 6.75
N ASP A 10 -0.22 -9.62 6.59
CA ASP A 10 -0.58 -10.49 7.73
C ASP A 10 0.66 -10.95 8.49
N LEU A 11 0.47 -11.88 9.43
CA LEU A 11 1.57 -12.28 10.29
C LEU A 11 2.75 -12.87 9.51
N GLN A 12 2.50 -13.36 8.30
CA GLN A 12 3.56 -13.94 7.49
C GLN A 12 3.89 -13.09 6.26
N ARG A 13 3.42 -11.84 6.31
CA ARG A 13 3.62 -10.83 5.26
C ARG A 13 2.84 -11.10 3.97
N VAL A 14 1.81 -11.94 4.02
CA VAL A 14 0.91 -12.07 2.90
C VAL A 14 0.24 -10.70 2.64
N ILE A 15 0.19 -10.29 1.37
CA ILE A 15 -0.59 -9.11 1.00
C ILE A 15 -1.74 -9.37 0.03
N GLY A 16 -1.71 -10.50 -0.67
CA GLY A 16 -2.74 -10.71 -1.69
C GLY A 16 -2.96 -12.18 -2.02
N PHE A 17 -4.11 -12.44 -2.63
CA PHE A 17 -4.36 -13.78 -3.15
C PHE A 17 -5.27 -13.62 -4.34
N GLU A 18 -4.86 -14.19 -5.48
CA GLU A 18 -5.66 -14.12 -6.72
C GLU A 18 -6.13 -12.70 -7.06
N ASN A 19 -5.18 -11.76 -6.95
CA ASN A 19 -5.40 -10.35 -7.28
C ASN A 19 -6.45 -9.63 -6.45
N GLN A 20 -6.65 -10.09 -5.23
CA GLN A 20 -7.51 -9.39 -4.26
C GLN A 20 -6.82 -9.42 -2.93
N LEU A 21 -7.26 -8.58 -2.01
CA LEU A 21 -6.79 -8.73 -0.62
C LEU A 21 -7.47 -9.96 0.01
N PRO A 22 -6.75 -10.73 0.84
CA PRO A 22 -7.29 -11.97 1.39
C PRO A 22 -8.33 -11.79 2.49
N TRP A 23 -8.46 -10.57 3.02
CA TRP A 23 -9.30 -10.32 4.19
C TRP A 23 -10.26 -9.22 3.86
N HIS A 24 -11.32 -9.13 4.65
CA HIS A 24 -12.27 -8.04 4.58
C HIS A 24 -12.15 -7.23 5.86
N LEU A 25 -11.68 -5.98 5.74
CA LEU A 25 -11.45 -5.18 6.94
C LEU A 25 -11.75 -3.71 6.67
N PRO A 26 -13.03 -3.32 6.83
CA PRO A 26 -13.42 -1.94 6.52
C PRO A 26 -12.55 -0.88 7.19
N ASN A 27 -12.15 -1.10 8.45
CA ASN A 27 -11.29 -0.14 9.14
C ASN A 27 -9.96 0.17 8.43
N ASP A 28 -9.39 -0.83 7.75
CA ASP A 28 -8.16 -0.57 7.02
C ASP A 28 -8.44 0.36 5.86
N LEU A 29 -9.59 0.21 5.22
CA LEU A 29 -9.92 1.09 4.11
C LEU A 29 -10.10 2.53 4.58
N LYS A 30 -10.70 2.69 5.77
CA LYS A 30 -10.84 4.03 6.38
C LYS A 30 -9.48 4.67 6.64
N HIS A 31 -8.54 3.84 7.12
CA HIS A 31 -7.14 4.22 7.36
C HIS A 31 -6.49 4.71 6.07
N VAL A 32 -6.68 3.96 4.99
CA VAL A 32 -6.12 4.34 3.69
C VAL A 32 -6.72 5.67 3.23
N LYS A 33 -8.04 5.80 3.40
CA LYS A 33 -8.75 7.02 3.03
C LYS A 33 -8.20 8.23 3.82
N LYS A 34 -8.05 8.05 5.14
CA LYS A 34 -7.56 9.12 6.01
C LYS A 34 -6.14 9.55 5.64
N LEU A 35 -5.24 8.59 5.42
CA LEU A 35 -3.87 8.89 5.06
C LEU A 35 -3.69 9.50 3.67
N SER A 36 -4.40 8.99 2.65
CA SER A 36 -4.04 9.30 1.28
C SER A 36 -4.98 10.28 0.56
N THR A 37 -6.16 10.53 1.12
CA THR A 37 -7.04 11.58 0.59
C THR A 37 -6.26 12.90 0.42
N GLY A 38 -6.39 13.50 -0.75
CA GLY A 38 -5.67 14.73 -1.04
C GLY A 38 -4.18 14.58 -1.35
N HIS A 39 -3.69 13.34 -1.47
CA HIS A 39 -2.28 13.08 -1.78
C HIS A 39 -2.15 12.23 -3.04
N THR A 40 -1.08 11.44 -3.18
CA THR A 40 -0.87 10.66 -4.42
C THR A 40 -0.65 9.18 -4.07
N LEU A 41 -1.33 8.30 -4.80
CA LEU A 41 -1.05 6.86 -4.76
C LEU A 41 -0.33 6.47 -6.04
N VAL A 42 0.76 5.71 -5.90
CA VAL A 42 1.41 5.07 -7.04
C VAL A 42 1.22 3.56 -6.92
N MET A 43 0.69 2.92 -7.94
CA MET A 43 0.44 1.47 -7.88
C MET A 43 0.83 0.75 -9.17
N GLY A 44 1.10 -0.56 -9.04
CA GLY A 44 1.36 -1.38 -10.22
C GLY A 44 0.08 -1.61 -10.99
N ARG A 45 0.23 -2.06 -12.22
CA ARG A 45 -0.91 -2.30 -13.08
C ARG A 45 -1.89 -3.34 -12.53
N LYS A 46 -1.39 -4.44 -11.94
CA LYS A 46 -2.31 -5.43 -11.43
C LYS A 46 -3.15 -4.89 -10.27
N THR A 47 -2.52 -4.13 -9.38
CA THR A 47 -3.25 -3.52 -8.30
C THR A 47 -4.31 -2.58 -8.84
N PHE A 48 -3.98 -1.80 -9.86
CA PHE A 48 -5.02 -0.95 -10.41
C PHE A 48 -6.19 -1.76 -10.98
N GLU A 49 -5.88 -2.79 -11.74
CA GLU A 49 -6.93 -3.57 -12.39
C GLU A 49 -7.80 -4.26 -11.35
N SER A 50 -7.22 -4.58 -10.20
CA SER A 50 -7.96 -5.17 -9.07
C SER A 50 -9.00 -4.23 -8.49
N ILE A 51 -8.69 -2.93 -8.45
CA ILE A 51 -9.68 -1.98 -7.93
C ILE A 51 -10.58 -1.46 -9.06
N GLY A 52 -10.06 -1.44 -10.28
CA GLY A 52 -10.92 -1.25 -11.46
C GLY A 52 -11.19 0.19 -11.83
N LYS A 53 -11.02 1.08 -10.87
CA LYS A 53 -11.06 2.53 -11.15
C LYS A 53 -10.30 3.28 -10.09
N PRO A 54 -9.90 4.51 -10.39
CA PRO A 54 -9.10 5.27 -9.42
C PRO A 54 -9.87 5.55 -8.12
N LEU A 55 -9.15 5.61 -7.01
CA LEU A 55 -9.74 5.97 -5.73
C LEU A 55 -10.03 7.47 -5.75
N PRO A 56 -11.21 7.86 -5.26
CA PRO A 56 -11.65 9.25 -5.33
C PRO A 56 -10.79 10.19 -4.50
N ASN A 57 -10.67 11.44 -4.97
CA ASN A 57 -10.09 12.52 -4.18
C ASN A 57 -8.58 12.46 -3.88
N ARG A 58 -7.82 11.81 -4.77
CA ARG A 58 -6.34 11.79 -4.72
C ARG A 58 -5.86 11.57 -6.11
N ARG A 59 -4.58 11.83 -6.31
CA ARG A 59 -4.00 11.53 -7.58
C ARG A 59 -3.68 10.03 -7.61
N ASN A 60 -4.20 9.34 -8.62
CA ASN A 60 -3.89 7.92 -8.84
C ASN A 60 -2.90 7.79 -9.98
N VAL A 61 -1.75 7.20 -9.71
CA VAL A 61 -0.70 7.03 -10.72
C VAL A 61 -0.44 5.53 -10.90
N VAL A 62 -0.44 5.05 -12.14
CA VAL A 62 -0.24 3.62 -12.40
C VAL A 62 1.07 3.38 -13.14
N LEU A 63 1.88 2.46 -12.62
CA LEU A 63 3.15 2.08 -13.24
C LEU A 63 2.93 0.82 -14.08
N THR A 64 3.23 0.91 -15.38
CA THR A 64 3.00 -0.19 -16.31
C THR A 64 3.94 0.00 -17.50
N SER A 65 4.34 -1.11 -18.14
CA SER A 65 5.07 -1.02 -19.40
C SER A 65 4.13 -0.83 -20.60
N ASP A 66 2.82 -0.97 -20.37
CA ASP A 66 1.84 -0.90 -21.45
C ASP A 66 1.70 0.54 -21.97
N THR A 67 2.23 0.81 -23.18
CA THR A 67 2.15 2.16 -23.73
C THR A 67 0.76 2.48 -24.29
N SER A 68 -0.14 1.50 -24.30
CA SER A 68 -1.52 1.77 -24.65
C SER A 68 -2.39 2.19 -23.46
N PHE A 69 -1.84 2.14 -22.26
CA PHE A 69 -2.57 2.47 -21.05
C PHE A 69 -2.82 3.97 -21.03
N ASN A 70 -4.08 4.34 -21.09
CA ASN A 70 -4.47 5.74 -20.96
C ASN A 70 -5.87 5.77 -20.44
N VAL A 71 -6.01 5.78 -19.11
CA VAL A 71 -7.30 5.54 -18.45
C VAL A 71 -7.78 6.85 -17.83
N GLU A 72 -9.06 7.18 -18.03
CA GLU A 72 -9.65 8.39 -17.45
C GLU A 72 -9.51 8.46 -15.92
N GLY A 73 -9.01 9.58 -15.42
CA GLY A 73 -8.81 9.78 -13.98
C GLY A 73 -7.55 9.16 -13.40
N VAL A 74 -6.70 8.61 -14.27
CA VAL A 74 -5.45 7.99 -13.84
C VAL A 74 -4.28 8.61 -14.61
N ASP A 75 -3.18 8.86 -13.91
CA ASP A 75 -1.96 9.22 -14.59
C ASP A 75 -1.10 7.97 -14.73
N VAL A 76 -0.39 7.85 -15.85
CA VAL A 76 0.41 6.66 -16.09
C VAL A 76 1.87 7.05 -16.05
N ILE A 77 2.71 6.15 -15.54
CA ILE A 77 4.17 6.26 -15.59
C ILE A 77 4.72 4.92 -16.07
N HIS A 78 5.91 4.93 -16.66
CA HIS A 78 6.50 3.74 -17.28
C HIS A 78 7.84 3.32 -16.70
N SER A 79 8.27 4.01 -15.65
CA SER A 79 9.56 3.78 -15.03
C SER A 79 9.49 4.09 -13.55
N ILE A 80 10.21 3.32 -12.74
CA ILE A 80 10.37 3.63 -11.33
C ILE A 80 10.89 5.07 -11.16
N GLU A 81 11.83 5.48 -12.02
CA GLU A 81 12.44 6.81 -11.90
C GLU A 81 11.41 7.93 -11.92
N ASP A 82 10.31 7.74 -12.65
CA ASP A 82 9.26 8.75 -12.75
C ASP A 82 8.63 9.09 -11.40
N ILE A 83 8.68 8.15 -10.47
CA ILE A 83 8.05 8.34 -9.18
C ILE A 83 8.66 9.54 -8.46
N TYR A 84 9.96 9.70 -8.60
CA TYR A 84 10.68 10.78 -7.92
C TYR A 84 10.33 12.21 -8.43
N GLN A 85 9.58 12.30 -9.52
CA GLN A 85 9.18 13.59 -10.09
C GLN A 85 7.79 13.98 -9.63
N LEU A 86 7.15 13.09 -8.89
CA LEU A 86 5.80 13.37 -8.45
C LEU A 86 5.85 14.27 -7.23
N PRO A 87 5.10 15.38 -7.27
CA PRO A 87 5.13 16.29 -6.13
C PRO A 87 4.27 15.84 -4.93
N GLY A 88 4.59 16.38 -3.76
CA GLY A 88 3.73 16.23 -2.58
C GLY A 88 3.98 14.92 -1.86
N HIS A 89 3.00 14.50 -1.06
CA HIS A 89 3.17 13.25 -0.34
C HIS A 89 2.74 12.08 -1.25
N VAL A 90 3.68 11.22 -1.56
CA VAL A 90 3.43 10.09 -2.48
C VAL A 90 3.49 8.80 -1.69
N PHE A 91 2.41 8.01 -1.81
CA PHE A 91 2.30 6.71 -1.15
C PHE A 91 2.46 5.61 -2.19
N ILE A 92 3.42 4.72 -1.94
CA ILE A 92 3.56 3.50 -2.75
C ILE A 92 2.50 2.52 -2.28
N PHE A 93 1.56 2.17 -3.17
CA PHE A 93 0.26 1.57 -2.82
C PHE A 93 0.18 0.07 -3.13
N GLY A 94 1.24 -0.44 -3.74
CA GLY A 94 1.34 -1.88 -4.06
C GLY A 94 1.49 -2.12 -5.57
N GLY A 95 1.57 -3.39 -6.00
CA GLY A 95 1.42 -4.57 -5.16
C GLY A 95 2.80 -5.09 -4.80
N GLN A 96 2.95 -6.41 -4.76
CA GLN A 96 4.22 -7.02 -4.36
C GLN A 96 5.39 -6.44 -5.15
N THR A 97 5.26 -6.34 -6.47
CA THR A 97 6.38 -5.89 -7.29
C THR A 97 6.80 -4.45 -6.94
N LEU A 98 5.83 -3.53 -6.83
CA LEU A 98 6.15 -2.16 -6.39
C LEU A 98 6.80 -2.13 -5.01
N PHE A 99 6.25 -2.89 -4.06
CA PHE A 99 6.84 -2.89 -2.71
C PHE A 99 8.30 -3.36 -2.73
N GLU A 100 8.57 -4.39 -3.52
CA GLU A 100 9.92 -4.94 -3.61
C GLU A 100 10.87 -3.91 -4.20
N GLU A 101 10.38 -3.16 -5.19
CA GLU A 101 11.20 -2.18 -5.86
C GLU A 101 11.44 -0.93 -5.02
N MET A 102 10.54 -0.64 -4.08
CA MET A 102 10.58 0.63 -3.37
C MET A 102 10.96 0.55 -1.89
N ILE A 103 11.00 -0.63 -1.29
CA ILE A 103 11.15 -0.70 0.18
C ILE A 103 12.48 -0.09 0.61
N ASP A 104 13.52 -0.24 -0.21
CA ASP A 104 14.80 0.40 0.11
C ASP A 104 14.89 1.91 -0.21
N LYS A 105 13.87 2.46 -0.86
CA LYS A 105 13.89 3.88 -1.27
C LYS A 105 12.99 4.81 -0.43
N VAL A 106 11.99 4.26 0.26
CA VAL A 106 11.00 5.14 0.89
C VAL A 106 11.49 5.68 2.23
N ASP A 107 10.91 6.80 2.65
CA ASP A 107 11.26 7.45 3.93
C ASP A 107 10.65 6.70 5.10
N ASP A 108 9.46 6.16 4.87
CA ASP A 108 8.69 5.58 5.95
C ASP A 108 7.64 4.64 5.39
N MET A 109 7.02 3.91 6.31
CA MET A 109 6.00 2.94 5.96
C MET A 109 4.80 3.04 6.91
N TYR A 110 3.60 3.02 6.34
CA TYR A 110 2.36 2.90 7.11
C TYR A 110 1.83 1.51 6.88
N ILE A 111 1.97 0.66 7.88
CA ILE A 111 1.64 -0.74 7.74
C ILE A 111 0.47 -1.05 8.60
N THR A 112 -0.52 -1.74 8.04
CA THR A 112 -1.55 -2.37 8.86
C THR A 112 -1.14 -3.83 9.01
N VAL A 113 -0.76 -4.21 10.22
CA VAL A 113 -0.46 -5.63 10.49
C VAL A 113 -1.76 -6.35 10.78
N ILE A 114 -2.11 -7.28 9.88
CA ILE A 114 -3.34 -8.06 10.03
C ILE A 114 -2.89 -9.26 10.89
N GLU A 115 -3.47 -9.38 12.09
CA GLU A 115 -2.95 -10.33 13.08
C GLU A 115 -3.55 -11.71 12.89
N GLY A 116 -3.35 -12.27 11.69
CA GLY A 116 -3.85 -13.60 11.34
C GLY A 116 -2.98 -14.22 10.27
N LYS A 117 -3.27 -15.47 9.89
CA LYS A 117 -2.48 -16.16 8.86
C LYS A 117 -3.44 -16.56 7.74
N PHE A 118 -3.28 -15.92 6.58
CA PHE A 118 -4.15 -16.15 5.42
C PHE A 118 -3.39 -16.90 4.34
N ARG A 119 -4.12 -17.56 3.44
CA ARG A 119 -3.46 -18.09 2.24
C ARG A 119 -3.14 -16.93 1.31
N GLY A 120 -1.89 -16.83 0.84
CA GLY A 120 -1.50 -15.75 -0.08
C GLY A 120 -0.72 -16.26 -1.27
N ASP A 121 -0.72 -15.47 -2.34
CA ASP A 121 0.20 -15.73 -3.44
C ASP A 121 1.13 -14.55 -3.70
N THR A 122 0.99 -13.50 -2.88
CA THR A 122 1.85 -12.34 -2.99
C THR A 122 2.18 -11.80 -1.60
N PHE A 123 3.38 -11.27 -1.46
CA PHE A 123 3.97 -10.95 -0.15
C PHE A 123 4.64 -9.60 -0.11
N PHE A 124 4.62 -8.98 1.07
CA PHE A 124 5.48 -7.84 1.34
C PHE A 124 6.90 -8.38 1.63
N PRO A 125 7.94 -7.67 1.19
CA PRO A 125 9.32 -8.14 1.45
C PRO A 125 9.67 -8.13 2.93
N PRO A 126 10.54 -9.04 3.37
CA PRO A 126 11.00 -9.06 4.76
C PRO A 126 11.63 -7.71 5.13
N TYR A 127 11.48 -7.30 6.38
CA TYR A 127 12.14 -6.12 6.88
C TYR A 127 12.46 -6.37 8.36
N THR A 128 13.36 -5.57 8.91
CA THR A 128 13.74 -5.76 10.30
C THR A 128 13.59 -4.47 11.08
N PHE A 129 13.10 -4.55 12.31
CA PHE A 129 13.04 -3.37 13.17
C PHE A 129 14.42 -2.80 13.49
N GLU A 130 15.48 -3.53 13.17
CA GLU A 130 16.79 -2.90 13.29
C GLU A 130 16.91 -1.67 12.40
N ASP A 131 16.16 -1.63 11.30
CA ASP A 131 16.29 -0.57 10.30
C ASP A 131 15.21 0.50 10.43
N TRP A 132 14.20 0.24 11.27
CA TRP A 132 12.96 1.02 11.26
C TRP A 132 12.54 1.38 12.67
N GLU A 133 12.35 2.67 12.93
CA GLU A 133 11.89 3.14 14.23
C GLU A 133 10.38 3.11 14.27
N VAL A 134 9.80 2.65 15.38
CA VAL A 134 8.34 2.62 15.49
C VAL A 134 7.87 4.02 15.93
N ALA A 135 7.43 4.81 14.97
CA ALA A 135 6.92 6.13 15.26
C ALA A 135 5.61 6.04 16.03
N SER A 136 4.79 5.05 15.69
CA SER A 136 3.54 4.81 16.43
C SER A 136 3.05 3.39 16.15
N SER A 137 2.31 2.86 17.11
CA SER A 137 1.70 1.53 17.00
C SER A 137 0.36 1.62 17.69
N VAL A 138 -0.72 1.39 16.93
CA VAL A 138 -2.09 1.62 17.41
C VAL A 138 -2.93 0.39 17.10
N GLU A 139 -3.47 -0.23 18.14
CA GLU A 139 -4.32 -1.40 17.96
C GLU A 139 -5.64 -0.94 17.33
N GLY A 140 -6.09 -1.65 16.31
CA GLY A 140 -7.33 -1.31 15.67
C GLY A 140 -8.49 -1.84 16.51
N LYS A 141 -9.63 -1.16 16.42
CA LYS A 141 -10.78 -1.57 17.19
C LYS A 141 -11.59 -2.64 16.48
N LEU A 142 -12.02 -3.64 17.24
CA LEU A 142 -12.76 -4.75 16.66
C LEU A 142 -14.24 -4.56 16.91
N ASP A 143 -15.05 -5.02 15.97
CA ASP A 143 -16.48 -4.95 16.16
C ASP A 143 -17.16 -5.86 15.19
N GLU A 144 -18.44 -5.59 14.96
CA GLU A 144 -19.25 -6.41 14.07
C GLU A 144 -18.64 -6.44 12.66
N LYS A 145 -18.29 -5.27 12.13
CA LYS A 145 -17.78 -5.21 10.75
C LYS A 145 -16.26 -5.45 10.60
N ASN A 146 -15.55 -5.56 11.73
CA ASN A 146 -14.08 -5.60 11.72
C ASN A 146 -13.62 -6.61 12.75
N THR A 147 -13.44 -7.84 12.31
CA THR A 147 -13.43 -8.94 13.27
C THR A 147 -12.04 -9.59 13.34
N ILE A 148 -11.12 -9.09 12.52
CA ILE A 148 -9.76 -9.59 12.54
C ILE A 148 -8.86 -8.59 13.29
N PRO A 149 -8.11 -9.03 14.33
CA PRO A 149 -7.28 -8.05 15.03
C PRO A 149 -6.24 -7.47 14.10
N HIS A 150 -5.95 -6.18 14.27
CA HIS A 150 -4.98 -5.53 13.39
C HIS A 150 -4.34 -4.40 14.15
N THR A 151 -3.14 -4.02 13.71
CA THR A 151 -2.39 -2.93 14.33
C THR A 151 -1.85 -1.99 13.27
N PHE A 152 -2.02 -0.69 13.47
CA PHE A 152 -1.51 0.30 12.55
C PHE A 152 -0.14 0.73 13.05
N LEU A 153 0.88 0.46 12.23
CA LEU A 153 2.26 0.84 12.55
C LEU A 153 2.70 1.93 11.60
N HIS A 154 3.33 2.97 12.15
CA HIS A 154 4.08 3.90 11.31
C HIS A 154 5.55 3.73 11.62
N LEU A 155 6.31 3.26 10.62
CA LEU A 155 7.74 2.99 10.78
C LEU A 155 8.54 4.03 10.00
N ILE A 156 9.63 4.52 10.59
CA ILE A 156 10.44 5.53 9.93
C ILE A 156 11.86 4.99 9.81
N ARG A 157 12.46 5.13 8.62
CA ARG A 157 13.77 4.54 8.40
C ARG A 157 14.79 5.20 9.34
N LYS A 158 15.60 4.38 10.02
CA LYS A 158 16.57 4.89 10.97
C LYS A 158 17.70 5.59 10.24
#